data_7RFT
#
_entry.id   7RFT
#
_cell.length_a   121.837
_cell.length_b   64.668
_cell.length_c   64.734
_cell.angle_alpha   90.000
_cell.angle_beta   102.760
_cell.angle_gamma   90.000
#
_symmetry.space_group_name_H-M   'C 1 2 1'
#
loop_
_entity.id
_entity.type
_entity.pdbx_description
1 polymer 'Dockerin domain-containing protein'
2 branched alpha-D-glucopyranose-(1-4)-alpha-D-glucopyranose-(1-4)-alpha-D-glucopyranose
3 non-polymer 1,2-ETHANEDIOL
4 non-polymer 'CHLORIDE ION'
5 non-polymer 'ZINC ION'
6 water water
#
_entity_poly.entity_id   1
_entity_poly.type   'polypeptide(L)'
_entity_poly.pdbx_seq_one_letter_code
;GEETDTKIYFDASNLPAEWGTTKTVYCHLYAVAGDDLPETSWQGKAEKCKKDTATGLYYFDTAKLKSADGTNHGGLKDNA
DYAVIFSTIDTKSQSHQTCNVTLGKPCLGDTIYLTGGTVENTEDSSKRDFAATWKNNSDNYGPKAAITSLGHVTEGRFPI
YLSRAEMVAQAIFNWAVKNPKNYTPETVADICAQVEAEPMDVYNAYAEMYATELADPAAYPDCAPLTTVATLLGVDPSG
;
_entity_poly.pdbx_strand_id   A,B
#
loop_
_chem_comp.id
_chem_comp.type
_chem_comp.name
_chem_comp.formula
CL non-polymer 'CHLORIDE ION' 'Cl -1'
EDO non-polymer 1,2-ETHANEDIOL 'C2 H6 O2'
GLC D-saccharide, alpha linking alpha-D-glucopyranose 'C6 H12 O6'
ZN non-polymer 'ZINC ION' 'Zn 2'
#
# COMPACT_ATOMS: atom_id res chain seq x y z
N THR A 4 4.50 21.56 23.64
CA THR A 4 4.46 23.04 23.43
C THR A 4 4.77 23.38 21.97
N ASP A 5 5.60 22.58 21.29
CA ASP A 5 6.04 22.82 19.88
C ASP A 5 4.86 22.51 18.94
N THR A 6 4.37 23.51 18.21
CA THR A 6 3.23 23.40 17.26
C THR A 6 3.75 23.12 15.85
N LYS A 7 5.06 23.07 15.65
CA LYS A 7 5.68 22.76 14.33
C LYS A 7 5.74 21.25 14.12
N ILE A 8 5.63 20.84 12.86
CA ILE A 8 6.04 19.48 12.42
C ILE A 8 7.18 19.64 11.42
N TYR A 9 8.07 18.66 11.36
CA TYR A 9 9.37 18.75 10.66
C TYR A 9 9.43 17.69 9.57
N PHE A 10 10.26 17.96 8.56
CA PHE A 10 10.53 17.02 7.45
C PHE A 10 12.04 16.87 7.31
N ASP A 11 12.50 15.62 7.34
CA ASP A 11 13.92 15.25 7.13
C ASP A 11 14.14 15.09 5.62
N ALA A 12 14.77 16.10 4.99
CA ALA A 12 15.08 16.14 3.54
C ALA A 12 16.55 15.78 3.30
N SER A 13 17.21 15.13 4.27
CA SER A 13 18.60 14.62 4.16
C SER A 13 18.58 13.22 3.54
N ASN A 14 19.61 12.88 2.75
CA ASN A 14 19.81 11.54 2.15
C ASN A 14 18.53 11.09 1.43
N LEU A 15 17.92 11.98 0.64
CA LEU A 15 16.73 11.64 -0.19
C LEU A 15 17.18 10.69 -1.30
N PRO A 16 16.25 9.88 -1.87
CA PRO A 16 16.56 9.07 -3.05
C PRO A 16 17.06 9.97 -4.19
N ALA A 17 17.85 9.41 -5.10
CA ALA A 17 18.40 10.11 -6.28
C ALA A 17 17.27 10.77 -7.08
N GLU A 18 16.11 10.10 -7.16
CA GLU A 18 14.91 10.55 -7.91
C GLU A 18 14.47 11.95 -7.47
N TRP A 19 14.67 12.30 -6.19
CA TRP A 19 14.25 13.62 -5.63
C TRP A 19 15.16 14.74 -6.11
N GLY A 20 16.34 14.40 -6.66
CA GLY A 20 17.33 15.39 -7.14
C GLY A 20 17.77 16.32 -6.03
N THR A 21 18.00 17.59 -6.36
CA THR A 21 18.41 18.67 -5.40
C THR A 21 17.17 19.47 -5.02
N THR A 22 16.76 19.42 -3.75
CA THR A 22 15.59 20.16 -3.21
C THR A 22 15.84 21.65 -3.36
N LYS A 23 14.87 22.38 -3.94
CA LYS A 23 14.87 23.86 -3.99
C LYS A 23 13.87 24.38 -2.96
N THR A 24 12.62 23.92 -3.02
CA THR A 24 11.54 24.36 -2.10
C THR A 24 10.82 23.13 -1.55
N VAL A 25 10.34 23.25 -0.31
CA VAL A 25 9.61 22.19 0.43
C VAL A 25 8.23 22.73 0.78
N TYR A 26 7.22 21.87 0.70
CA TYR A 26 5.80 22.22 0.94
C TYR A 26 5.17 21.18 1.85
N CYS A 27 4.18 21.64 2.61
CA CYS A 27 3.38 20.80 3.52
C CYS A 27 1.90 20.91 3.14
N HIS A 28 1.29 19.80 2.77
CA HIS A 28 -0.15 19.70 2.46
C HIS A 28 -0.82 19.01 3.65
N LEU A 29 -1.38 19.82 4.55
CA LEU A 29 -1.99 19.36 5.82
C LEU A 29 -3.50 19.57 5.70
N TYR A 30 -4.29 18.51 5.88
CA TYR A 30 -5.75 18.59 5.68
C TYR A 30 -6.49 17.77 6.73
N ALA A 31 -7.74 18.16 6.97
CA ALA A 31 -8.68 17.44 7.85
C ALA A 31 -9.34 16.32 7.05
N VAL A 32 -9.43 15.15 7.64
CA VAL A 32 -10.18 13.97 7.11
C VAL A 32 -11.59 13.99 7.71
N ALA A 33 -11.69 14.30 9.01
CA ALA A 33 -12.98 14.35 9.74
C ALA A 33 -12.81 15.15 11.04
N GLY A 34 -13.86 15.89 11.43
CA GLY A 34 -13.97 16.54 12.75
C GLY A 34 -13.35 17.91 12.78
N ASP A 35 -13.03 18.50 11.62
CA ASP A 35 -12.54 19.89 11.56
C ASP A 35 -12.87 20.51 10.19
N ASP A 36 -13.12 21.82 10.18
CA ASP A 36 -13.50 22.58 8.94
CA ASP A 36 -13.52 22.65 9.00
C ASP A 36 -12.27 23.33 8.41
N LEU A 37 -11.10 22.73 8.58
CA LEU A 37 -9.81 23.31 8.12
C LEU A 37 -9.86 23.49 6.60
N PRO A 38 -9.75 24.74 6.07
CA PRO A 38 -9.69 24.96 4.63
C PRO A 38 -8.47 24.23 4.05
N GLU A 39 -8.60 23.68 2.84
CA GLU A 39 -7.43 23.03 2.19
C GLU A 39 -6.62 24.13 1.50
N THR A 40 -5.30 23.99 1.56
CA THR A 40 -4.32 24.89 0.90
C THR A 40 -4.08 24.38 -0.52
N SER A 41 -3.76 25.28 -1.43
CA SER A 41 -3.43 24.92 -2.85
CA SER A 41 -3.42 24.95 -2.84
C SER A 41 -2.11 24.14 -2.87
N TRP A 42 -2.12 23.00 -3.56
CA TRP A 42 -0.95 22.09 -3.64
C TRP A 42 0.29 22.86 -4.09
N GLN A 43 1.34 22.85 -3.25
CA GLN A 43 2.66 23.51 -3.49
C GLN A 43 2.47 25.02 -3.74
N GLY A 44 1.42 25.63 -3.15
CA GLY A 44 1.21 27.08 -3.16
C GLY A 44 1.95 27.78 -2.03
N LYS A 45 1.83 29.11 -1.95
CA LYS A 45 2.51 29.96 -0.93
C LYS A 45 2.17 29.47 0.49
N ALA A 46 0.90 29.16 0.75
CA ALA A 46 0.39 28.79 2.10
C ALA A 46 1.04 27.49 2.59
N GLU A 47 1.58 26.67 1.68
CA GLU A 47 2.18 25.34 1.99
C GLU A 47 3.70 25.45 2.18
N LYS A 48 4.31 26.59 1.87
CA LYS A 48 5.78 26.73 1.86
C LYS A 48 6.34 26.46 3.27
N CYS A 49 7.34 25.60 3.36
CA CYS A 49 8.06 25.25 4.61
C CYS A 49 9.35 26.06 4.70
N LYS A 50 9.71 26.50 5.90
CA LYS A 50 11.00 27.17 6.17
C LYS A 50 12.04 26.09 6.48
N LYS A 51 13.30 26.38 6.20
CA LYS A 51 14.45 25.52 6.57
C LYS A 51 15.01 26.00 7.91
N ASP A 52 15.15 25.07 8.86
CA ASP A 52 15.95 25.28 10.10
C ASP A 52 17.43 25.18 9.69
N THR A 53 18.14 26.31 9.66
CA THR A 53 19.54 26.39 9.15
C THR A 53 20.49 25.66 10.11
N ALA A 54 20.11 25.51 11.39
CA ALA A 54 20.90 24.81 12.42
C ALA A 54 20.85 23.29 12.20
N THR A 55 19.65 22.71 12.07
CA THR A 55 19.44 21.24 12.00
C THR A 55 19.40 20.76 10.54
N GLY A 56 19.03 21.64 9.60
CA GLY A 56 18.80 21.31 8.18
C GLY A 56 17.41 20.77 7.92
N LEU A 57 16.58 20.60 8.97
CA LEU A 57 15.18 20.12 8.83
C LEU A 57 14.32 21.25 8.27
N TYR A 58 13.29 20.90 7.50
CA TYR A 58 12.22 21.83 7.09
C TYR A 58 11.08 21.71 8.10
N TYR A 59 10.31 22.77 8.26
CA TYR A 59 9.19 22.78 9.23
C TYR A 59 8.01 23.59 8.71
N PHE A 60 6.85 23.27 9.30
CA PHE A 60 5.53 23.88 9.03
C PHE A 60 4.83 24.06 10.38
N ASP A 61 4.43 25.29 10.70
CA ASP A 61 3.82 25.61 12.02
C ASP A 61 2.30 25.44 11.91
N THR A 62 1.74 24.43 12.59
CA THR A 62 0.28 24.16 12.60
C THR A 62 -0.46 25.31 13.29
N ALA A 63 0.23 26.11 14.10
CA ALA A 63 -0.33 27.28 14.81
C ALA A 63 -0.61 28.42 13.82
N LYS A 64 -0.05 28.37 12.60
CA LYS A 64 -0.20 29.42 11.57
C LYS A 64 -1.23 29.01 10.51
N LEU A 65 -1.85 27.83 10.66
CA LEU A 65 -2.98 27.40 9.79
C LEU A 65 -4.08 28.47 9.87
N LYS A 66 -4.68 28.84 8.73
CA LYS A 66 -5.73 29.88 8.64
C LYS A 66 -7.11 29.25 8.49
N SER A 67 -8.12 29.84 9.13
CA SER A 67 -9.55 29.52 8.92
C SER A 67 -10.05 30.30 7.70
N ALA A 68 -11.29 30.05 7.28
CA ALA A 68 -11.91 30.64 6.07
C ALA A 68 -11.96 32.18 6.17
N ASP A 69 -12.09 32.74 7.38
CA ASP A 69 -12.17 34.20 7.59
C ASP A 69 -10.77 34.83 7.65
N GLY A 70 -9.72 34.06 7.36
CA GLY A 70 -8.32 34.53 7.26
C GLY A 70 -7.62 34.60 8.60
N THR A 71 -8.33 34.33 9.70
CA THR A 71 -7.77 34.38 11.08
C THR A 71 -7.06 33.06 11.38
N ASN A 72 -6.24 33.05 12.42
CA ASN A 72 -5.53 31.86 12.96
CA ASN A 72 -5.53 31.83 12.86
C ASN A 72 -6.57 30.80 13.31
N HIS A 73 -6.38 29.56 12.88
CA HIS A 73 -7.33 28.44 13.04
C HIS A 73 -7.36 27.93 14.49
N GLY A 74 -6.35 28.26 15.29
CA GLY A 74 -6.27 27.88 16.72
C GLY A 74 -5.76 26.46 16.91
N GLY A 75 -5.06 25.93 15.92
CA GLY A 75 -4.32 24.65 16.00
C GLY A 75 -5.19 23.44 15.67
N LEU A 76 -4.60 22.24 15.74
CA LEU A 76 -5.30 20.96 15.52
C LEU A 76 -6.30 20.72 16.66
N LYS A 77 -7.46 20.15 16.33
CA LYS A 77 -8.51 19.74 17.30
C LYS A 77 -8.25 18.30 17.76
N ASP A 78 -8.72 17.96 18.96
CA ASP A 78 -8.43 16.66 19.64
C ASP A 78 -9.21 15.54 18.96
N ASN A 79 -10.52 15.74 18.70
CA ASN A 79 -11.45 14.70 18.21
C ASN A 79 -11.58 14.82 16.68
N ALA A 80 -10.45 14.83 15.97
CA ALA A 80 -10.41 15.00 14.51
C ALA A 80 -9.34 14.08 13.92
N ASP A 81 -9.57 13.62 12.69
CA ASP A 81 -8.58 12.92 11.85
C ASP A 81 -7.92 13.95 10.94
N TYR A 82 -6.60 14.00 10.95
CA TYR A 82 -5.81 14.82 9.99
C TYR A 82 -4.88 13.91 9.22
N ALA A 83 -4.45 14.38 8.06
CA ALA A 83 -3.39 13.74 7.25
C ALA A 83 -2.45 14.82 6.73
N VAL A 84 -1.22 14.42 6.43
CA VAL A 84 -0.19 15.38 5.98
C VAL A 84 0.68 14.71 4.92
N ILE A 85 1.11 15.52 3.96
CA ILE A 85 2.10 15.18 2.92
C ILE A 85 3.19 16.25 2.98
N PHE A 86 4.45 15.84 2.95
CA PHE A 86 5.56 16.75 2.62
C PHE A 86 5.92 16.52 1.16
N SER A 87 6.17 17.61 0.44
CA SER A 87 6.54 17.57 -0.99
C SER A 87 7.70 18.51 -1.25
N THR A 88 8.36 18.34 -2.38
CA THR A 88 9.45 19.25 -2.82
C THR A 88 9.22 19.64 -4.27
N ILE A 89 9.80 20.76 -4.65
CA ILE A 89 10.15 21.08 -6.07
C ILE A 89 11.68 21.12 -6.12
N ASP A 90 12.28 20.33 -7.01
CA ASP A 90 13.76 20.22 -7.12
C ASP A 90 14.26 21.34 -8.04
N THR A 91 15.58 21.45 -8.22
CA THR A 91 16.25 22.51 -9.01
C THR A 91 15.91 22.37 -10.50
N LYS A 92 15.26 21.26 -10.91
CA LYS A 92 14.77 21.04 -12.30
C LYS A 92 13.24 21.25 -12.38
N SER A 93 12.64 21.87 -11.35
N SER A 93 12.64 21.86 -11.35
CA SER A 93 11.21 22.24 -11.25
CA SER A 93 11.20 22.23 -11.27
C SER A 93 10.32 20.99 -11.30
C SER A 93 10.30 20.98 -11.28
N GLN A 94 10.83 19.83 -10.88
CA GLN A 94 10.06 18.55 -10.81
C GLN A 94 9.59 18.35 -9.36
N SER A 95 8.35 17.89 -9.20
CA SER A 95 7.68 17.68 -7.88
CA SER A 95 7.68 17.68 -7.88
C SER A 95 7.95 16.25 -7.39
N HIS A 96 8.15 16.10 -6.08
CA HIS A 96 8.32 14.80 -5.38
C HIS A 96 7.50 14.88 -4.09
N GLN A 97 7.04 13.76 -3.55
CA GLN A 97 6.22 13.82 -2.33
C GLN A 97 6.27 12.52 -1.55
N THR A 98 6.01 12.64 -0.25
CA THR A 98 5.68 11.52 0.64
C THR A 98 4.28 11.03 0.29
N CYS A 99 3.95 9.84 0.78
CA CYS A 99 2.55 9.36 0.89
C CYS A 99 1.80 10.22 1.92
N ASN A 100 0.51 9.99 2.04
CA ASN A 100 -0.32 10.55 3.14
C ASN A 100 0.09 9.89 4.45
N VAL A 101 0.34 10.69 5.48
CA VAL A 101 0.67 10.21 6.85
C VAL A 101 -0.40 10.77 7.80
N THR A 102 -0.96 9.92 8.65
CA THR A 102 -1.95 10.36 9.67
C THR A 102 -1.25 11.32 10.64
N LEU A 103 -2.00 12.30 11.14
CA LEU A 103 -1.49 13.40 11.99
C LEU A 103 -2.45 13.60 13.16
N GLY A 104 -1.91 13.69 14.37
CA GLY A 104 -2.64 14.07 15.58
C GLY A 104 -1.78 14.97 16.45
N LYS A 105 -2.36 15.51 17.53
CA LYS A 105 -1.65 16.42 18.47
C LYS A 105 -0.37 15.76 19.01
N PRO A 106 -0.34 14.44 19.30
CA PRO A 106 0.90 13.80 19.76
C PRO A 106 2.08 13.95 18.79
N CYS A 107 1.82 14.16 17.49
CA CYS A 107 2.85 14.27 16.42
C CYS A 107 3.46 15.68 16.40
N LEU A 108 2.86 16.68 17.05
CA LEU A 108 3.40 18.06 17.07
C LEU A 108 4.80 18.01 17.69
N GLY A 109 5.78 18.63 17.02
CA GLY A 109 7.20 18.63 17.43
C GLY A 109 7.98 17.46 16.83
N ASP A 110 7.30 16.54 16.14
CA ASP A 110 7.91 15.30 15.57
C ASP A 110 8.28 15.53 14.11
N THR A 111 9.03 14.59 13.53
CA THR A 111 9.65 14.67 12.18
C THR A 111 9.15 13.52 11.32
N ILE A 112 8.72 13.84 10.10
CA ILE A 112 8.43 12.84 9.03
C ILE A 112 9.73 12.56 8.27
N TYR A 113 9.98 11.30 7.97
CA TYR A 113 11.16 10.85 7.18
C TYR A 113 10.72 9.75 6.24
N LEU A 114 11.45 9.57 5.13
CA LEU A 114 11.21 8.49 4.14
C LEU A 114 11.71 7.16 4.74
N THR A 115 10.87 6.13 4.68
CA THR A 115 11.13 4.80 5.28
C THR A 115 11.80 3.89 4.25
N GLY A 116 11.77 4.28 2.98
CA GLY A 116 12.03 3.36 1.86
C GLY A 116 10.73 2.73 1.38
N GLY A 117 10.66 2.44 0.08
CA GLY A 117 9.44 1.92 -0.57
C GLY A 117 8.60 3.05 -1.14
N THR A 118 7.75 2.71 -2.11
CA THR A 118 6.81 3.66 -2.73
C THR A 118 5.40 3.07 -2.66
N VAL A 119 4.41 3.90 -2.91
CA VAL A 119 2.96 3.56 -2.80
C VAL A 119 2.20 4.34 -3.87
N GLU A 120 1.13 3.73 -4.39
CA GLU A 120 0.25 4.35 -5.41
C GLU A 120 -0.15 5.75 -4.94
N ASN A 121 0.05 6.75 -5.79
CA ASN A 121 -0.50 8.12 -5.60
C ASN A 121 -2.04 8.04 -5.61
N THR A 122 -2.71 8.79 -4.73
CA THR A 122 -4.19 8.68 -4.56
C THR A 122 -4.92 9.22 -5.80
N GLU A 123 -4.32 10.16 -6.52
CA GLU A 123 -5.00 10.96 -7.59
C GLU A 123 -4.57 10.49 -8.98
N ASP A 124 -3.34 9.98 -9.12
CA ASP A 124 -2.63 9.86 -10.41
C ASP A 124 -2.00 8.47 -10.51
N SER A 125 -2.60 7.60 -11.34
CA SER A 125 -2.18 6.18 -11.52
C SER A 125 -0.80 6.09 -12.18
N SER A 126 -0.27 7.19 -12.73
CA SER A 126 1.09 7.23 -13.34
C SER A 126 2.16 7.41 -12.26
N LYS A 127 1.76 7.72 -11.02
CA LYS A 127 2.71 8.16 -9.95
C LYS A 127 2.70 7.19 -8.77
N ARG A 128 3.86 7.06 -8.15
CA ARG A 128 4.02 6.46 -6.80
C ARG A 128 4.72 7.47 -5.91
N ASP A 129 4.16 7.64 -4.71
CA ASP A 129 4.70 8.52 -3.65
C ASP A 129 5.67 7.70 -2.80
N PHE A 130 6.47 8.37 -1.97
CA PHE A 130 7.50 7.72 -1.13
C PHE A 130 6.91 7.46 0.25
N ALA A 131 6.97 6.21 0.68
CA ALA A 131 6.54 5.77 2.04
C ALA A 131 7.31 6.61 3.06
N ALA A 132 6.61 7.09 4.08
CA ALA A 132 7.15 7.99 5.11
C ALA A 132 6.38 7.76 6.40
N THR A 133 6.99 8.10 7.53
CA THR A 133 6.31 7.99 8.84
C THR A 133 6.99 8.93 9.84
N TRP A 134 6.51 8.91 11.08
CA TRP A 134 7.01 9.75 12.19
C TRP A 134 8.21 9.09 12.86
N LYS A 135 9.20 9.89 13.25
CA LYS A 135 10.40 9.41 13.97
C LYS A 135 10.00 8.88 15.34
N ASN A 136 9.09 9.55 16.06
CA ASN A 136 8.80 9.29 17.49
C ASN A 136 7.36 8.79 17.72
N ASN A 137 6.47 8.89 16.72
CA ASN A 137 5.01 8.63 16.92
C ASN A 137 4.51 7.53 15.97
N SER A 138 5.41 6.70 15.43
CA SER A 138 5.07 5.62 14.47
C SER A 138 4.24 4.52 15.17
N ASP A 139 4.21 4.51 16.50
CA ASP A 139 3.42 3.54 17.32
C ASP A 139 1.92 3.74 17.05
N ASN A 140 1.46 4.99 16.87
CA ASN A 140 0.03 5.33 16.77
C ASN A 140 -0.30 6.07 15.46
N TYR A 141 0.70 6.59 14.75
CA TYR A 141 0.50 7.40 13.51
C TYR A 141 1.48 6.91 12.45
N GLY A 142 1.09 7.04 11.18
CA GLY A 142 1.93 6.61 10.06
C GLY A 142 1.14 6.68 8.77
N PRO A 143 1.63 5.98 7.72
CA PRO A 143 0.94 5.97 6.43
C PRO A 143 -0.58 5.83 6.61
N LYS A 144 -1.32 6.68 5.90
CA LYS A 144 -2.80 6.73 5.91
C LYS A 144 -3.34 5.80 4.82
N ALA A 145 -4.15 4.80 5.18
CA ALA A 145 -4.91 3.98 4.22
C ALA A 145 -5.83 4.92 3.43
N ALA A 146 -5.69 4.94 2.10
CA ALA A 146 -6.46 5.82 1.21
C ALA A 146 -7.13 4.99 0.11
N ILE A 147 -8.35 5.36 -0.25
CA ILE A 147 -9.02 4.80 -1.46
C ILE A 147 -8.60 5.67 -2.65
N THR A 148 -7.97 5.06 -3.65
CA THR A 148 -7.30 5.79 -4.75
C THR A 148 -8.26 5.98 -5.92
N SER A 149 -7.80 6.72 -6.93
CA SER A 149 -8.47 6.97 -8.22
C SER A 149 -8.79 5.66 -8.94
N LEU A 150 -8.07 4.57 -8.61
CA LEU A 150 -8.26 3.25 -9.26
C LEU A 150 -9.21 2.37 -8.43
N GLY A 151 -9.61 2.82 -7.24
CA GLY A 151 -10.45 2.04 -6.31
C GLY A 151 -9.64 1.04 -5.50
N HIS A 152 -8.34 1.27 -5.34
CA HIS A 152 -7.42 0.45 -4.48
CA HIS A 152 -7.47 0.44 -4.47
C HIS A 152 -7.36 1.10 -3.09
N VAL A 153 -7.21 0.28 -2.06
CA VAL A 153 -7.12 0.76 -0.65
C VAL A 153 -5.67 0.58 -0.21
N THR A 154 -4.92 1.68 -0.13
CA THR A 154 -3.46 1.65 0.11
C THR A 154 -3.15 1.21 1.55
N GLU A 155 -1.89 0.92 1.79
CA GLU A 155 -1.37 0.45 3.10
C GLU A 155 -1.54 1.56 4.15
N GLY A 156 -1.79 1.16 5.39
CA GLY A 156 -1.66 2.06 6.55
C GLY A 156 -2.85 1.95 7.50
N ARG A 157 -3.15 3.06 8.17
CA ARG A 157 -4.16 3.12 9.27
C ARG A 157 -5.41 3.82 8.74
N PHE A 158 -6.56 3.41 9.28
CA PHE A 158 -7.90 3.97 8.97
C PHE A 158 -8.20 5.10 9.93
N PRO A 159 -9.13 6.01 9.57
CA PRO A 159 -9.50 7.11 10.46
C PRO A 159 -10.35 6.62 11.62
N ILE A 160 -10.43 7.43 12.68
CA ILE A 160 -11.20 7.14 13.92
C ILE A 160 -12.61 7.72 13.79
N TYR A 161 -12.76 8.91 13.18
CA TYR A 161 -13.99 9.74 13.24
C TYR A 161 -14.72 9.77 11.89
N LEU A 162 -14.18 9.10 10.88
CA LEU A 162 -14.86 8.85 9.58
C LEU A 162 -15.18 7.35 9.53
N SER A 163 -16.45 7.00 9.34
CA SER A 163 -16.91 5.58 9.30
C SER A 163 -16.38 4.93 8.03
N ARG A 164 -16.24 3.60 8.03
CA ARG A 164 -15.81 2.82 6.84
C ARG A 164 -16.81 3.06 5.71
N ALA A 165 -18.12 3.06 6.01
CA ALA A 165 -19.19 3.32 5.03
C ALA A 165 -19.01 4.71 4.42
N GLU A 166 -18.70 5.72 5.23
CA GLU A 166 -18.48 7.12 4.77
C GLU A 166 -17.25 7.19 3.85
N MET A 167 -16.18 6.47 4.18
CA MET A 167 -14.95 6.40 3.36
C MET A 167 -15.30 5.90 1.94
N VAL A 168 -16.10 4.83 1.84
CA VAL A 168 -16.45 4.23 0.52
C VAL A 168 -17.38 5.20 -0.21
N ALA A 169 -18.37 5.77 0.48
CA ALA A 169 -19.29 6.76 -0.12
C ALA A 169 -18.48 7.90 -0.73
N GLN A 170 -17.47 8.41 -0.01
CA GLN A 170 -16.62 9.54 -0.48
C GLN A 170 -15.82 9.10 -1.72
N ALA A 171 -15.31 7.87 -1.76
CA ALA A 171 -14.57 7.35 -2.93
C ALA A 171 -15.49 7.28 -4.16
N ILE A 172 -16.71 6.78 -3.98
CA ILE A 172 -17.73 6.70 -5.07
C ILE A 172 -18.05 8.13 -5.54
N PHE A 173 -18.29 9.05 -4.61
CA PHE A 173 -18.56 10.47 -4.92
C PHE A 173 -17.41 11.07 -5.73
N ASN A 174 -16.17 10.80 -5.30
CA ASN A 174 -14.94 11.36 -5.91
C ASN A 174 -14.74 10.82 -7.34
N TRP A 175 -14.98 9.52 -7.57
CA TRP A 175 -14.37 8.81 -8.72
C TRP A 175 -15.38 8.08 -9.63
N ALA A 176 -16.62 7.81 -9.20
CA ALA A 176 -17.55 6.92 -9.94
C ALA A 176 -17.87 7.51 -11.31
N VAL A 177 -18.03 8.83 -11.41
CA VAL A 177 -18.29 9.53 -12.71
C VAL A 177 -16.96 9.79 -13.41
N LYS A 178 -15.93 10.21 -12.68
CA LYS A 178 -14.62 10.59 -13.25
C LYS A 178 -13.95 9.37 -13.90
N ASN A 179 -13.97 8.21 -13.22
N ASN A 179 -14.03 8.21 -13.25
CA ASN A 179 -13.19 7.01 -13.61
CA ASN A 179 -13.21 7.01 -13.61
C ASN A 179 -14.07 5.76 -13.58
C ASN A 179 -14.07 5.76 -13.58
N PRO A 180 -15.10 5.65 -14.44
CA PRO A 180 -15.99 4.49 -14.45
C PRO A 180 -15.33 3.17 -14.90
N LYS A 181 -14.23 3.23 -15.66
CA LYS A 181 -13.51 2.01 -16.12
C LYS A 181 -12.79 1.36 -14.93
N ASN A 182 -12.51 2.13 -13.87
CA ASN A 182 -11.92 1.57 -12.62
C ASN A 182 -13.05 1.31 -11.61
N TYR A 183 -13.99 2.26 -11.46
CA TYR A 183 -15.09 2.17 -10.47
C TYR A 183 -16.22 1.33 -11.07
N THR A 184 -15.95 0.03 -11.17
CA THR A 184 -16.89 -1.02 -11.62
C THR A 184 -17.55 -1.64 -10.39
N PRO A 185 -18.67 -2.38 -10.55
CA PRO A 185 -19.24 -3.13 -9.43
C PRO A 185 -18.21 -4.03 -8.73
N GLU A 186 -17.33 -4.70 -9.50
CA GLU A 186 -16.29 -5.59 -8.92
C GLU A 186 -15.38 -4.77 -8.00
N THR A 187 -14.88 -3.64 -8.48
CA THR A 187 -13.96 -2.75 -7.73
C THR A 187 -14.66 -2.26 -6.44
N VAL A 188 -15.90 -1.80 -6.55
CA VAL A 188 -16.64 -1.24 -5.37
C VAL A 188 -16.86 -2.36 -4.34
N ALA A 189 -17.17 -3.58 -4.77
CA ALA A 189 -17.28 -4.75 -3.86
C ALA A 189 -15.93 -4.99 -3.16
N ASP A 190 -14.83 -4.88 -3.90
CA ASP A 190 -13.46 -5.05 -3.35
C ASP A 190 -13.18 -3.97 -2.30
N ILE A 191 -13.54 -2.71 -2.59
CA ILE A 191 -13.33 -1.59 -1.62
C ILE A 191 -14.08 -1.94 -0.33
N CYS A 192 -15.36 -2.29 -0.42
CA CYS A 192 -16.19 -2.64 0.76
C CYS A 192 -15.52 -3.74 1.58
N ALA A 193 -14.99 -4.78 0.92
CA ALA A 193 -14.29 -5.92 1.57
C ALA A 193 -13.02 -5.42 2.28
N GLN A 194 -12.24 -4.56 1.64
CA GLN A 194 -10.93 -4.08 2.15
C GLN A 194 -11.12 -3.17 3.36
N VAL A 195 -12.12 -2.28 3.33
CA VAL A 195 -12.34 -1.28 4.42
C VAL A 195 -13.37 -1.79 5.43
N GLU A 196 -13.98 -2.96 5.16
CA GLU A 196 -15.00 -3.61 6.02
C GLU A 196 -16.23 -2.69 6.18
N ALA A 197 -16.81 -2.27 5.06
CA ALA A 197 -18.07 -1.49 5.00
C ALA A 197 -19.17 -2.37 4.40
N GLU A 198 -20.38 -2.30 4.96
CA GLU A 198 -21.58 -2.99 4.42
C GLU A 198 -22.12 -2.15 3.27
N PRO A 199 -22.29 -2.72 2.05
CA PRO A 199 -22.78 -1.97 0.90
C PRO A 199 -24.03 -1.10 1.15
N MET A 200 -25.04 -1.61 1.87
CA MET A 200 -26.27 -0.84 2.13
C MET A 200 -25.94 0.36 3.04
N ASP A 201 -25.00 0.21 3.96
CA ASP A 201 -24.51 1.32 4.82
C ASP A 201 -23.85 2.39 3.93
N VAL A 202 -23.09 1.96 2.92
CA VAL A 202 -22.42 2.90 1.96
C VAL A 202 -23.50 3.66 1.20
N TYR A 203 -24.52 2.96 0.69
CA TYR A 203 -25.64 3.57 -0.08
C TYR A 203 -26.33 4.64 0.78
N ASN A 204 -26.68 4.28 2.02
CA ASN A 204 -27.43 5.19 2.94
C ASN A 204 -26.55 6.40 3.28
N ALA A 205 -25.27 6.17 3.57
CA ALA A 205 -24.27 7.24 3.87
C ALA A 205 -24.23 8.21 2.69
N TYR A 206 -24.06 7.68 1.47
CA TYR A 206 -23.97 8.48 0.22
C TYR A 206 -25.23 9.34 0.05
N ALA A 207 -26.41 8.73 0.17
CA ALA A 207 -27.72 9.38 -0.04
C ALA A 207 -27.87 10.58 0.91
N GLU A 208 -27.45 10.42 2.16
CA GLU A 208 -27.57 11.47 3.22
C GLU A 208 -26.48 12.52 2.99
N MET A 209 -25.23 12.10 2.82
CA MET A 209 -24.06 13.01 2.67
C MET A 209 -24.27 13.97 1.49
N TYR A 210 -24.72 13.46 0.34
CA TYR A 210 -24.66 14.21 -0.95
C TYR A 210 -26.07 14.59 -1.44
N ALA A 211 -27.06 14.63 -0.54
CA ALA A 211 -28.47 14.94 -0.85
C ALA A 211 -28.57 16.24 -1.68
N THR A 212 -27.84 17.30 -1.29
CA THR A 212 -27.90 18.63 -1.94
CA THR A 212 -27.93 18.62 -1.94
C THR A 212 -27.41 18.52 -3.39
N GLU A 213 -26.32 17.81 -3.61
CA GLU A 213 -25.73 17.65 -4.97
C GLU A 213 -26.63 16.73 -5.81
N LEU A 214 -27.20 15.69 -5.20
CA LEU A 214 -28.09 14.73 -5.91
C LEU A 214 -29.35 15.44 -6.41
N ALA A 215 -29.79 16.49 -5.71
CA ALA A 215 -31.01 17.26 -6.04
C ALA A 215 -30.77 18.16 -7.26
N ASP A 216 -29.51 18.41 -7.65
CA ASP A 216 -29.14 19.36 -8.72
C ASP A 216 -28.07 18.75 -9.63
N PRO A 217 -28.41 17.69 -10.42
CA PRO A 217 -27.44 17.03 -11.29
C PRO A 217 -26.78 17.99 -12.30
N ALA A 218 -27.54 18.96 -12.82
CA ALA A 218 -27.06 19.98 -13.78
C ALA A 218 -25.84 20.72 -13.22
N ALA A 219 -25.85 21.01 -11.91
CA ALA A 219 -24.81 21.81 -11.21
C ALA A 219 -23.66 20.90 -10.73
N TYR A 220 -23.93 19.61 -10.50
CA TYR A 220 -22.97 18.66 -9.86
C TYR A 220 -22.87 17.39 -10.71
N PRO A 221 -22.34 17.47 -11.95
CA PRO A 221 -22.33 16.33 -12.85
C PRO A 221 -21.35 15.21 -12.46
N ASP A 222 -20.40 15.47 -11.56
CA ASP A 222 -19.39 14.48 -11.11
C ASP A 222 -19.92 13.71 -9.90
N CYS A 223 -21.09 14.07 -9.39
CA CYS A 223 -21.82 13.32 -8.33
C CYS A 223 -22.67 12.23 -8.99
N ALA A 224 -22.27 10.98 -8.86
CA ALA A 224 -23.01 9.81 -9.39
C ALA A 224 -24.41 9.81 -8.79
N PRO A 225 -25.47 9.63 -9.61
CA PRO A 225 -26.83 9.54 -9.09
C PRO A 225 -27.01 8.23 -8.32
N LEU A 226 -28.02 8.17 -7.45
N LEU A 226 -28.05 8.14 -7.48
CA LEU A 226 -28.37 7.02 -6.58
CA LEU A 226 -28.29 7.00 -6.57
C LEU A 226 -28.44 5.73 -7.40
C LEU A 226 -28.52 5.71 -7.37
N THR A 227 -29.05 5.79 -8.60
CA THR A 227 -29.22 4.59 -9.48
C THR A 227 -27.84 3.99 -9.79
N THR A 228 -26.86 4.82 -10.14
CA THR A 228 -25.46 4.39 -10.41
C THR A 228 -24.86 3.81 -9.12
N VAL A 229 -25.06 4.48 -7.99
CA VAL A 229 -24.45 4.07 -6.69
C VAL A 229 -25.04 2.71 -6.27
N ALA A 230 -26.35 2.51 -6.42
CA ALA A 230 -27.03 1.23 -6.14
C ALA A 230 -26.42 0.12 -7.03
N THR A 231 -26.24 0.39 -8.31
CA THR A 231 -25.67 -0.57 -9.30
C THR A 231 -24.25 -0.95 -8.89
N LEU A 232 -23.43 0.04 -8.55
CA LEU A 232 -22.00 -0.17 -8.17
C LEU A 232 -21.91 -1.01 -6.89
N LEU A 233 -22.86 -0.84 -5.96
CA LEU A 233 -22.82 -1.52 -4.63
C LEU A 233 -23.57 -2.86 -4.71
N GLY A 234 -24.31 -3.11 -5.79
CA GLY A 234 -25.09 -4.33 -6.01
C GLY A 234 -26.26 -4.43 -5.04
N VAL A 235 -26.87 -3.30 -4.68
CA VAL A 235 -27.98 -3.21 -3.68
C VAL A 235 -29.26 -2.78 -4.39
N ASP A 236 -30.41 -3.10 -3.78
CA ASP A 236 -31.76 -2.71 -4.24
C ASP A 236 -32.41 -1.89 -3.12
N PRO A 237 -32.41 -0.54 -3.22
CA PRO A 237 -32.95 0.31 -2.16
C PRO A 237 -34.48 0.47 -2.20
N THR B 4 28.53 -15.94 12.25
CA THR B 4 27.41 -15.28 11.51
C THR B 4 26.11 -16.06 11.74
N ASP B 5 25.07 -15.37 12.24
CA ASP B 5 23.73 -15.94 12.53
C ASP B 5 22.99 -16.15 11.20
N THR B 6 22.52 -17.38 10.93
CA THR B 6 21.76 -17.74 9.70
C THR B 6 20.25 -17.72 10.01
N LYS B 7 19.87 -17.40 11.24
CA LYS B 7 18.45 -17.35 11.68
C LYS B 7 17.89 -15.96 11.38
N ILE B 8 16.60 -15.90 11.03
CA ILE B 8 15.79 -14.64 11.05
C ILE B 8 14.74 -14.80 12.15
N TYR B 9 14.35 -13.69 12.79
CA TYR B 9 13.53 -13.66 14.02
C TYR B 9 12.24 -12.89 13.77
N PHE B 10 11.23 -13.18 14.60
CA PHE B 10 9.91 -12.50 14.58
C PHE B 10 9.57 -12.08 16.01
N ASP B 11 9.29 -10.79 16.20
CA ASP B 11 8.85 -10.22 17.50
C ASP B 11 7.33 -10.39 17.61
N ALA B 12 6.89 -11.37 18.41
CA ALA B 12 5.48 -11.73 18.64
C ALA B 12 5.00 -11.21 20.00
N SER B 13 5.70 -10.24 20.58
CA SER B 13 5.28 -9.50 21.80
C SER B 13 4.42 -8.30 21.40
N ASN B 14 3.48 -7.91 22.27
CA ASN B 14 2.57 -6.75 22.09
C ASN B 14 1.97 -6.76 20.68
N LEU B 15 1.47 -7.92 20.23
CA LEU B 15 0.71 -8.04 18.96
C LEU B 15 -0.64 -7.35 19.13
N PRO B 16 -1.25 -6.83 18.05
CA PRO B 16 -2.61 -6.30 18.11
C PRO B 16 -3.61 -7.33 18.67
N ALA B 17 -4.69 -6.84 19.30
CA ALA B 17 -5.76 -7.66 19.90
C ALA B 17 -6.28 -8.67 18.88
N GLU B 18 -6.35 -8.27 17.61
CA GLU B 18 -6.87 -9.11 16.48
C GLU B 18 -6.08 -10.43 16.38
N TRP B 19 -4.80 -10.45 16.77
CA TRP B 19 -3.93 -11.66 16.68
C TRP B 19 -4.28 -12.66 17.79
N GLY B 20 -5.05 -12.23 18.80
CA GLY B 20 -5.43 -13.09 19.95
C GLY B 20 -4.19 -13.57 20.69
N THR B 21 -4.23 -14.80 21.23
CA THR B 21 -3.09 -15.47 21.90
C THR B 21 -2.42 -16.42 20.90
N THR B 22 -1.17 -16.15 20.55
CA THR B 22 -0.35 -16.99 19.63
C THR B 22 -0.25 -18.40 20.21
N LYS B 23 -0.55 -19.43 19.41
CA LYS B 23 -0.32 -20.85 19.75
C LYS B 23 0.94 -21.33 19.02
N THR B 24 0.97 -21.16 17.69
CA THR B 24 2.09 -21.61 16.80
C THR B 24 2.48 -20.46 15.87
N VAL B 25 3.78 -20.36 15.58
CA VAL B 25 4.36 -19.32 14.68
C VAL B 25 4.95 -20.03 13.46
N TYR B 26 4.74 -19.47 12.27
CA TYR B 26 5.21 -20.05 10.99
C TYR B 26 5.95 -18.98 10.18
N CYS B 27 6.92 -19.43 9.39
CA CYS B 27 7.71 -18.60 8.46
C CYS B 27 7.54 -19.14 7.04
N HIS B 28 6.93 -18.34 6.16
CA HIS B 28 6.77 -18.62 4.70
C HIS B 28 7.85 -17.84 3.94
N LEU B 29 8.97 -18.51 3.66
CA LEU B 29 10.17 -17.93 3.02
C LEU B 29 10.25 -18.50 1.60
N TYR B 30 10.33 -17.63 0.59
CA TYR B 30 10.31 -18.07 -0.84
C TYR B 30 11.26 -17.21 -1.68
N ALA B 31 11.73 -17.80 -2.78
CA ALA B 31 12.54 -17.14 -3.81
C ALA B 31 11.61 -16.36 -4.75
N VAL B 32 12.03 -15.17 -5.16
CA VAL B 32 11.34 -14.29 -6.14
C VAL B 32 12.04 -14.42 -7.50
N ALA B 33 13.38 -14.44 -7.48
CA ALA B 33 14.23 -14.57 -8.69
C ALA B 33 15.64 -15.03 -8.29
N GLY B 34 16.28 -15.84 -9.14
CA GLY B 34 17.70 -16.21 -9.02
C GLY B 34 17.94 -17.40 -8.09
N ASP B 35 16.89 -18.16 -7.76
CA ASP B 35 17.02 -19.40 -6.95
C ASP B 35 15.81 -20.31 -7.21
N ASP B 36 16.02 -21.63 -7.16
CA ASP B 36 15.00 -22.67 -7.44
C ASP B 36 14.56 -23.33 -6.13
N LEU B 37 14.70 -22.62 -5.01
CA LEU B 37 14.18 -23.02 -3.67
C LEU B 37 12.68 -23.31 -3.83
N PRO B 38 12.21 -24.53 -3.48
CA PRO B 38 10.78 -24.82 -3.50
C PRO B 38 10.07 -24.10 -2.35
N GLU B 39 8.81 -23.70 -2.55
CA GLU B 39 7.97 -23.05 -1.51
C GLU B 39 7.48 -24.14 -0.56
N THR B 40 7.57 -23.89 0.74
CA THR B 40 7.00 -24.74 1.82
C THR B 40 5.48 -24.57 1.82
N SER B 41 4.76 -25.58 2.31
CA SER B 41 3.29 -25.56 2.49
CA SER B 41 3.28 -25.55 2.47
C SER B 41 2.94 -24.49 3.54
N TRP B 42 1.97 -23.62 3.21
CA TRP B 42 1.54 -22.50 4.08
C TRP B 42 1.14 -23.05 5.46
N GLN B 43 1.87 -22.64 6.50
CA GLN B 43 1.65 -23.02 7.92
C GLN B 43 1.72 -24.56 8.06
N GLY B 44 2.53 -25.21 7.23
CA GLY B 44 2.86 -26.65 7.37
C GLY B 44 3.97 -26.83 8.38
N LYS B 45 4.35 -28.08 8.68
CA LYS B 45 5.30 -28.39 9.77
C LYS B 45 6.71 -27.88 9.39
N ALA B 46 7.02 -27.77 8.09
CA ALA B 46 8.32 -27.26 7.58
C ALA B 46 8.48 -25.76 7.89
N GLU B 47 7.38 -25.04 8.13
CA GLU B 47 7.38 -23.57 8.38
C GLU B 47 7.40 -23.27 9.88
N LYS B 48 7.22 -24.27 10.74
CA LYS B 48 7.07 -24.08 12.21
C LYS B 48 8.34 -23.41 12.76
N CYS B 49 8.16 -22.35 13.56
CA CYS B 49 9.24 -21.56 14.19
C CYS B 49 9.36 -21.94 15.66
N LYS B 50 10.60 -22.03 16.17
CA LYS B 50 10.89 -22.30 17.61
C LYS B 50 10.97 -20.96 18.35
N LYS B 51 10.69 -20.98 19.65
CA LYS B 51 10.74 -19.79 20.54
C LYS B 51 12.09 -19.79 21.27
N ASP B 52 12.91 -18.75 21.05
CA ASP B 52 14.18 -18.53 21.79
C ASP B 52 13.84 -18.13 23.22
N THR B 53 14.15 -19.00 24.20
CA THR B 53 13.79 -18.84 25.63
C THR B 53 14.40 -17.55 26.19
N ALA B 54 15.64 -17.24 25.79
CA ALA B 54 16.44 -16.08 26.28
C ALA B 54 15.78 -14.76 25.87
N THR B 55 15.57 -14.56 24.55
CA THR B 55 15.09 -13.29 23.96
C THR B 55 13.55 -13.25 23.94
N GLY B 56 12.91 -14.42 23.83
CA GLY B 56 11.45 -14.54 23.67
C GLY B 56 11.02 -14.43 22.21
N LEU B 57 11.98 -14.22 21.30
CA LEU B 57 11.74 -14.12 19.84
C LEU B 57 11.53 -15.52 19.25
N TYR B 58 10.67 -15.63 18.25
CA TYR B 58 10.55 -16.84 17.38
C TYR B 58 11.60 -16.72 16.28
N TYR B 59 12.16 -17.84 15.83
CA TYR B 59 13.24 -17.86 14.81
C TYR B 59 12.97 -18.96 13.77
N PHE B 60 13.58 -18.76 12.60
CA PHE B 60 13.59 -19.70 11.45
C PHE B 60 15.00 -19.72 10.89
N ASP B 61 15.63 -20.90 10.84
CA ASP B 61 17.04 -21.04 10.41
C ASP B 61 17.08 -21.25 8.90
N THR B 62 17.62 -20.28 8.15
CA THR B 62 17.73 -20.31 6.67
C THR B 62 18.77 -21.37 6.27
N ALA B 63 19.65 -21.77 7.19
CA ALA B 63 20.66 -22.83 6.97
C ALA B 63 19.99 -24.21 6.83
N LYS B 64 18.74 -24.33 7.27
CA LYS B 64 17.96 -25.60 7.25
C LYS B 64 16.96 -25.63 6.08
N LEU B 65 17.09 -24.72 5.11
CA LEU B 65 16.26 -24.71 3.87
C LEU B 65 16.56 -25.97 3.06
N LYS B 66 15.51 -26.65 2.58
CA LYS B 66 15.61 -27.91 1.80
C LYS B 66 15.41 -27.61 0.31
N SER B 67 16.20 -28.26 -0.55
CA SER B 67 16.03 -28.26 -2.03
C SER B 67 14.85 -29.18 -2.40
N ALA B 68 14.42 -29.14 -3.66
CA ALA B 68 13.28 -29.92 -4.20
C ALA B 68 13.46 -31.41 -3.89
N ASP B 69 14.71 -31.89 -3.90
CA ASP B 69 15.08 -33.32 -3.72
C ASP B 69 15.23 -33.67 -2.23
N GLY B 70 15.00 -32.70 -1.33
CA GLY B 70 14.95 -32.93 0.13
C GLY B 70 16.30 -32.74 0.81
N THR B 71 17.37 -32.47 0.06
CA THR B 71 18.74 -32.24 0.57
C THR B 71 18.86 -30.80 1.10
N ASN B 72 19.91 -30.49 1.84
CA ASN B 72 20.18 -29.14 2.39
C ASN B 72 20.52 -28.20 1.22
N HIS B 73 19.87 -27.03 1.19
CA HIS B 73 19.87 -26.09 0.04
C HIS B 73 21.15 -25.22 0.05
N GLY B 74 21.77 -25.05 1.23
CA GLY B 74 22.98 -24.23 1.42
C GLY B 74 22.64 -22.78 1.74
N GLY B 75 21.46 -22.53 2.32
CA GLY B 75 21.00 -21.19 2.75
C GLY B 75 20.64 -20.30 1.59
N LEU B 76 20.58 -18.98 1.83
CA LEU B 76 20.24 -17.96 0.82
C LEU B 76 21.43 -17.83 -0.16
N LYS B 77 21.13 -17.57 -1.44
CA LYS B 77 22.14 -17.32 -2.50
C LYS B 77 22.37 -15.82 -2.62
N ASP B 78 23.56 -15.43 -3.08
CA ASP B 78 23.85 -14.08 -3.62
C ASP B 78 23.10 -13.93 -4.95
N ASN B 79 22.88 -12.68 -5.38
CA ASN B 79 22.30 -12.34 -6.71
C ASN B 79 20.92 -13.00 -6.86
N ALA B 80 20.12 -13.00 -5.78
CA ALA B 80 18.76 -13.58 -5.76
C ALA B 80 17.83 -12.68 -4.94
N ASP B 81 16.57 -12.56 -5.38
CA ASP B 81 15.49 -11.88 -4.62
C ASP B 81 14.77 -12.94 -3.80
N TYR B 82 14.59 -12.67 -2.50
CA TYR B 82 13.77 -13.49 -1.59
C TYR B 82 12.72 -12.59 -0.96
N ALA B 83 11.66 -13.21 -0.45
CA ALA B 83 10.63 -12.54 0.36
C ALA B 83 10.24 -13.49 1.50
N VAL B 84 9.68 -12.93 2.56
CA VAL B 84 9.34 -13.72 3.77
C VAL B 84 8.07 -13.14 4.40
N ILE B 85 7.26 -14.03 4.95
CA ILE B 85 6.07 -13.72 5.79
C ILE B 85 6.24 -14.48 7.10
N PHE B 86 5.95 -13.82 8.22
CA PHE B 86 5.72 -14.49 9.52
C PHE B 86 4.20 -14.54 9.73
N SER B 87 3.70 -15.70 10.13
CA SER B 87 2.26 -15.92 10.40
C SER B 87 2.12 -16.65 11.74
N THR B 88 0.92 -16.63 12.29
CA THR B 88 0.56 -17.37 13.52
C THR B 88 -0.75 -18.10 13.29
N ILE B 89 -0.99 -19.15 14.08
CA ILE B 89 -2.35 -19.66 14.39
C ILE B 89 -2.56 -19.42 15.88
N ASP B 90 -3.67 -18.77 16.25
CA ASP B 90 -3.96 -18.41 17.66
C ASP B 90 -4.67 -19.59 18.32
N THR B 91 -5.05 -19.43 19.60
CA THR B 91 -5.67 -20.49 20.45
C THR B 91 -7.09 -20.80 19.96
N LYS B 92 -7.68 -19.96 19.11
CA LYS B 92 -9.01 -20.20 18.47
C LYS B 92 -8.82 -20.65 17.02
N SER B 93 -7.63 -21.11 16.63
CA SER B 93 -7.31 -21.75 15.32
C SER B 93 -7.47 -20.77 14.16
N GLN B 94 -7.41 -19.45 14.42
CA GLN B 94 -7.50 -18.39 13.39
C GLN B 94 -6.08 -17.99 12.98
N SER B 95 -5.86 -17.77 11.68
CA SER B 95 -4.55 -17.41 11.10
CA SER B 95 -4.55 -17.41 11.09
C SER B 95 -4.38 -15.89 11.05
N HIS B 96 -3.16 -15.42 11.30
CA HIS B 96 -2.75 -13.99 11.22
C HIS B 96 -1.38 -13.94 10.54
N GLN B 97 -1.06 -12.85 9.84
CA GLN B 97 0.22 -12.78 9.11
C GLN B 97 0.67 -11.34 8.92
N THR B 98 1.99 -11.19 8.77
CA THR B 98 2.64 -9.98 8.23
C THR B 98 2.35 -9.91 6.73
N CYS B 99 2.60 -8.74 6.16
CA CYS B 99 2.75 -8.55 4.70
C CYS B 99 4.01 -9.30 4.24
N ASN B 100 4.22 -9.36 2.94
CA ASN B 100 5.50 -9.82 2.35
C ASN B 100 6.58 -8.79 2.68
N VAL B 101 7.73 -9.26 3.17
CA VAL B 101 8.93 -8.43 3.45
C VAL B 101 10.06 -8.97 2.58
N THR B 102 10.81 -8.09 1.91
CA THR B 102 11.98 -8.48 1.07
C THR B 102 13.04 -9.06 2.02
N LEU B 103 13.79 -10.05 1.55
CA LEU B 103 14.81 -10.78 2.35
C LEU B 103 16.10 -10.86 1.54
N GLY B 104 17.23 -10.54 2.18
CA GLY B 104 18.59 -10.73 1.65
C GLY B 104 19.53 -11.17 2.74
N LYS B 105 20.76 -11.57 2.40
CA LYS B 105 21.77 -12.06 3.36
C LYS B 105 22.01 -11.04 4.47
N PRO B 106 22.04 -9.71 4.20
CA PRO B 106 22.20 -8.71 5.26
C PRO B 106 21.14 -8.78 6.39
N CYS B 107 19.97 -9.36 6.11
CA CYS B 107 18.84 -9.49 7.08
C CYS B 107 19.04 -10.68 8.02
N LEU B 108 19.97 -11.59 7.71
CA LEU B 108 20.25 -12.77 8.58
C LEU B 108 20.67 -12.26 9.96
N GLY B 109 20.06 -12.79 11.03
CA GLY B 109 20.28 -12.36 12.42
C GLY B 109 19.39 -11.19 12.81
N ASP B 110 18.56 -10.67 11.90
CA ASP B 110 17.68 -9.49 12.15
C ASP B 110 16.26 -9.99 12.48
N THR B 111 15.42 -9.09 12.99
CA THR B 111 14.06 -9.37 13.49
C THR B 111 13.02 -8.61 12.66
N ILE B 112 11.96 -9.31 12.24
CA ILE B 112 10.75 -8.69 11.65
C ILE B 112 9.81 -8.32 12.81
N TYR B 113 9.23 -7.11 12.76
CA TYR B 113 8.25 -6.60 13.75
C TYR B 113 7.13 -5.86 13.00
N LEU B 114 5.96 -5.79 13.63
CA LEU B 114 4.77 -5.08 13.08
C LEU B 114 4.98 -3.57 13.26
N THR B 115 4.81 -2.80 12.18
CA THR B 115 5.05 -1.33 12.18
C THR B 115 3.75 -0.59 12.55
N GLY B 116 2.61 -1.27 12.49
CA GLY B 116 1.28 -0.65 12.54
C GLY B 116 0.75 -0.42 11.14
N GLY B 117 -0.57 -0.52 10.96
CA GLY B 117 -1.21 -0.41 9.64
C GLY B 117 -1.33 -1.77 8.97
N THR B 118 -2.21 -1.87 7.99
CA THR B 118 -2.51 -3.12 7.25
C THR B 118 -2.39 -2.84 5.76
N VAL B 119 -2.36 -3.92 4.97
CA VAL B 119 -2.13 -3.85 3.50
C VAL B 119 -2.91 -5.01 2.86
N GLU B 120 -3.45 -4.78 1.68
CA GLU B 120 -4.20 -5.80 0.91
C GLU B 120 -3.40 -7.10 0.87
N ASN B 121 -4.04 -8.22 1.25
CA ASN B 121 -3.48 -9.57 1.06
C ASN B 121 -3.34 -9.84 -0.45
N THR B 122 -2.25 -10.47 -0.88
CA THR B 122 -1.91 -10.65 -2.31
C THR B 122 -2.91 -11.61 -2.98
N GLU B 123 -3.46 -12.56 -2.21
CA GLU B 123 -4.24 -13.71 -2.74
C GLU B 123 -5.75 -13.49 -2.52
N ASP B 124 -6.13 -12.77 -1.46
CA ASP B 124 -7.49 -12.81 -0.88
C ASP B 124 -7.98 -11.38 -0.63
N SER B 125 -8.91 -10.89 -1.46
CA SER B 125 -9.44 -9.49 -1.42
C SER B 125 -10.26 -9.24 -0.15
N SER B 126 -10.62 -10.29 0.59
CA SER B 126 -11.37 -10.18 1.87
C SER B 126 -10.40 -9.88 3.03
N LYS B 127 -9.09 -10.00 2.79
CA LYS B 127 -8.06 -9.97 3.86
C LYS B 127 -7.13 -8.77 3.70
N ARG B 128 -6.69 -8.23 4.84
CA ARG B 128 -5.53 -7.32 4.92
C ARG B 128 -4.51 -7.93 5.89
N ASP B 129 -3.25 -7.93 5.48
CA ASP B 129 -2.10 -8.40 6.28
C ASP B 129 -1.56 -7.22 7.09
N PHE B 130 -0.72 -7.49 8.07
CA PHE B 130 -0.16 -6.44 8.98
C PHE B 130 1.20 -5.98 8.44
N ALA B 131 1.34 -4.67 8.23
CA ALA B 131 2.59 -4.02 7.81
C ALA B 131 3.70 -4.42 8.79
N ALA B 132 4.87 -4.79 8.26
CA ALA B 132 6.02 -5.26 9.06
C ALA B 132 7.30 -4.88 8.33
N THR B 133 8.41 -4.78 9.06
CA THR B 133 9.75 -4.52 8.47
C THR B 133 10.84 -5.04 9.40
N TRP B 134 12.10 -4.81 9.01
CA TRP B 134 13.32 -5.25 9.74
C TRP B 134 13.70 -4.19 10.79
N LYS B 135 14.14 -4.64 11.97
CA LYS B 135 14.61 -3.74 13.06
C LYS B 135 15.86 -2.98 12.58
N ASN B 136 16.81 -3.68 11.95
CA ASN B 136 18.18 -3.15 11.67
C ASN B 136 18.45 -2.98 10.17
N ASN B 137 17.60 -3.51 9.29
CA ASN B 137 17.86 -3.58 7.83
C ASN B 137 16.76 -2.85 7.05
N SER B 138 15.96 -2.00 7.71
CA SER B 138 14.82 -1.26 7.11
C SER B 138 15.29 -0.22 6.07
N ASP B 139 16.58 0.12 6.05
N ASP B 139 16.59 0.10 6.06
CA ASP B 139 17.16 1.10 5.09
CA ASP B 139 17.21 1.07 5.11
C ASP B 139 17.22 0.50 3.68
C ASP B 139 17.21 0.49 3.68
N ASN B 140 17.34 -0.83 3.55
CA ASN B 140 17.52 -1.52 2.24
C ASN B 140 16.46 -2.61 2.00
N TYR B 141 15.81 -3.10 3.06
CA TYR B 141 14.80 -4.19 3.00
C TYR B 141 13.56 -3.77 3.79
N GLY B 142 12.41 -4.33 3.41
CA GLY B 142 11.13 -4.00 4.05
C GLY B 142 9.96 -4.50 3.22
N PRO B 143 8.75 -3.96 3.43
CA PRO B 143 7.57 -4.39 2.68
C PRO B 143 7.87 -4.57 1.19
N LYS B 144 7.43 -5.69 0.64
CA LYS B 144 7.64 -6.06 -0.79
C LYS B 144 6.43 -5.54 -1.59
N ALA B 145 6.68 -4.69 -2.59
CA ALA B 145 5.63 -4.29 -3.56
C ALA B 145 5.18 -5.56 -4.29
N ALA B 146 3.87 -5.85 -4.27
CA ALA B 146 3.27 -7.07 -4.84
C ALA B 146 2.11 -6.66 -5.75
N ILE B 147 1.96 -7.35 -6.88
CA ILE B 147 0.76 -7.23 -7.74
C ILE B 147 -0.27 -8.25 -7.23
N THR B 148 -1.42 -7.77 -6.78
CA THR B 148 -2.42 -8.59 -6.03
C THR B 148 -3.40 -9.27 -6.98
N SER B 149 -4.25 -10.12 -6.41
CA SER B 149 -5.37 -10.81 -7.11
C SER B 149 -6.31 -9.79 -7.78
N LEU B 150 -6.30 -8.52 -7.33
CA LEU B 150 -7.18 -7.46 -7.88
C LEU B 150 -6.45 -6.63 -8.94
N GLY B 151 -5.14 -6.85 -9.11
CA GLY B 151 -4.31 -6.08 -10.05
C GLY B 151 -3.85 -4.76 -9.44
N HIS B 152 -3.83 -4.67 -8.11
CA HIS B 152 -3.27 -3.49 -7.40
CA HIS B 152 -3.28 -3.50 -7.36
C HIS B 152 -1.80 -3.78 -7.05
N VAL B 153 -0.97 -2.74 -7.08
CA VAL B 153 0.48 -2.85 -6.78
C VAL B 153 0.69 -2.25 -5.39
N THR B 154 0.93 -3.11 -4.40
CA THR B 154 1.00 -2.72 -2.97
C THR B 154 2.27 -1.90 -2.70
N GLU B 155 2.28 -1.25 -1.55
CA GLU B 155 3.41 -0.42 -1.07
C GLU B 155 4.68 -1.27 -0.90
N GLY B 156 5.83 -0.68 -1.19
CA GLY B 156 7.14 -1.22 -0.79
C GLY B 156 8.17 -1.18 -1.90
N ARG B 157 9.10 -2.13 -1.87
CA ARG B 157 10.29 -2.17 -2.75
C ARG B 157 10.09 -3.22 -3.84
N PHE B 158 10.72 -2.98 -4.98
CA PHE B 158 10.70 -3.86 -6.18
C PHE B 158 11.94 -4.75 -6.17
N PRO B 159 11.88 -5.93 -6.84
CA PRO B 159 13.02 -6.84 -6.88
C PRO B 159 14.13 -6.32 -7.80
N ILE B 160 15.33 -6.89 -7.68
CA ILE B 160 16.55 -6.52 -8.46
C ILE B 160 16.67 -7.43 -9.70
N TYR B 161 16.42 -8.73 -9.55
CA TYR B 161 16.75 -9.77 -10.57
C TYR B 161 15.49 -10.26 -11.29
N LEU B 162 14.35 -9.63 -11.04
CA LEU B 162 13.09 -9.80 -11.81
C LEU B 162 12.75 -8.45 -12.44
N SER B 163 12.64 -8.40 -13.77
CA SER B 163 12.35 -7.16 -14.53
C SER B 163 10.91 -6.72 -14.23
N ARG B 164 10.63 -5.43 -14.38
CA ARG B 164 9.26 -4.86 -14.20
C ARG B 164 8.30 -5.57 -15.18
N ALA B 165 8.73 -5.80 -16.43
CA ALA B 165 7.92 -6.49 -17.45
C ALA B 165 7.60 -7.92 -17.01
N GLU B 166 8.57 -8.63 -16.43
CA GLU B 166 8.39 -10.03 -15.94
C GLU B 166 7.38 -10.04 -14.79
N MET B 167 7.44 -9.04 -13.90
CA MET B 167 6.48 -8.90 -12.77
C MET B 167 5.05 -8.84 -13.31
N VAL B 168 4.81 -8.00 -14.33
CA VAL B 168 3.44 -7.82 -14.89
C VAL B 168 3.03 -9.12 -15.59
N ALA B 169 3.93 -9.72 -16.38
CA ALA B 169 3.69 -10.99 -17.09
C ALA B 169 3.20 -12.04 -16.07
N GLN B 170 3.88 -12.13 -14.94
CA GLN B 170 3.61 -13.09 -13.84
C GLN B 170 2.20 -12.86 -13.27
N ALA B 171 1.83 -11.59 -13.05
CA ALA B 171 0.49 -11.20 -12.54
C ALA B 171 -0.60 -11.62 -13.54
N ILE B 172 -0.38 -11.38 -14.83
CA ILE B 172 -1.36 -11.74 -15.89
C ILE B 172 -1.50 -13.26 -15.91
N PHE B 173 -0.37 -13.97 -15.87
CA PHE B 173 -0.32 -15.47 -15.83
C PHE B 173 -1.13 -15.97 -14.62
N ASN B 174 -0.90 -15.36 -13.46
CA ASN B 174 -1.52 -15.78 -12.18
C ASN B 174 -3.04 -15.55 -12.22
N TRP B 175 -3.51 -14.42 -12.75
CA TRP B 175 -4.83 -13.85 -12.39
C TRP B 175 -5.75 -13.58 -13.59
N ALA B 176 -5.25 -13.44 -14.82
CA ALA B 176 -6.06 -12.96 -15.97
C ALA B 176 -7.26 -13.90 -16.21
N VAL B 177 -7.07 -15.21 -16.06
CA VAL B 177 -8.16 -16.23 -16.25
C VAL B 177 -8.95 -16.37 -14.95
N LYS B 178 -8.27 -16.41 -13.80
CA LYS B 178 -8.92 -16.63 -12.47
CA LYS B 178 -8.91 -16.62 -12.46
C LYS B 178 -9.84 -15.45 -12.15
N ASN B 179 -9.40 -14.21 -12.42
CA ASN B 179 -10.09 -12.97 -11.97
C ASN B 179 -10.26 -11.98 -13.13
N PRO B 180 -11.00 -12.35 -14.21
CA PRO B 180 -11.13 -11.48 -15.37
C PRO B 180 -11.87 -10.15 -15.10
N LYS B 181 -12.74 -10.10 -14.08
CA LYS B 181 -13.51 -8.87 -13.76
C LYS B 181 -12.57 -7.83 -13.14
N ASN B 182 -11.43 -8.27 -12.59
CA ASN B 182 -10.36 -7.38 -12.07
C ASN B 182 -9.32 -7.13 -13.15
N TYR B 183 -8.88 -8.17 -13.85
CA TYR B 183 -7.79 -8.10 -14.87
C TYR B 183 -8.41 -7.68 -16.21
N THR B 184 -8.84 -6.42 -16.26
CA THR B 184 -9.38 -5.72 -17.44
C THR B 184 -8.23 -5.00 -18.13
N PRO B 185 -8.39 -4.58 -19.41
CA PRO B 185 -7.40 -3.75 -20.07
C PRO B 185 -7.04 -2.49 -19.25
N GLU B 186 -8.02 -1.84 -18.62
CA GLU B 186 -7.78 -0.63 -17.78
C GLU B 186 -6.83 -1.01 -16.64
N THR B 187 -7.12 -2.08 -15.92
CA THR B 187 -6.32 -2.56 -14.77
C THR B 187 -4.90 -2.89 -15.25
N VAL B 188 -4.76 -3.61 -16.35
CA VAL B 188 -3.40 -4.03 -16.84
C VAL B 188 -2.60 -2.77 -17.23
N ALA B 189 -3.24 -1.78 -17.85
CA ALA B 189 -2.61 -0.47 -18.15
C ALA B 189 -2.14 0.18 -16.85
N ASP B 190 -2.97 0.11 -15.80
CA ASP B 190 -2.64 0.69 -14.46
C ASP B 190 -1.42 -0.02 -13.88
N ILE B 191 -1.37 -1.36 -13.97
CA ILE B 191 -0.23 -2.14 -13.42
C ILE B 191 1.05 -1.71 -14.13
N CYS B 192 1.02 -1.61 -15.46
CA CYS B 192 2.21 -1.21 -16.27
C CYS B 192 2.69 0.18 -15.83
N ALA B 193 1.76 1.12 -15.61
CA ALA B 193 2.07 2.50 -15.17
C ALA B 193 2.70 2.47 -13.76
N GLN B 194 2.16 1.67 -12.85
CA GLN B 194 2.61 1.61 -11.43
C GLN B 194 4.00 0.97 -11.33
N VAL B 195 4.29 -0.08 -12.11
CA VAL B 195 5.58 -0.81 -12.00
C VAL B 195 6.58 -0.29 -13.06
N GLU B 196 6.17 0.65 -13.91
CA GLU B 196 7.00 1.23 -15.00
C GLU B 196 7.49 0.12 -15.93
N ALA B 197 6.56 -0.65 -16.49
CA ALA B 197 6.82 -1.67 -17.53
C ALA B 197 6.17 -1.22 -18.84
N GLU B 198 6.88 -1.38 -19.95
CA GLU B 198 6.33 -1.12 -21.31
C GLU B 198 5.46 -2.29 -21.72
N PRO B 199 4.18 -2.07 -22.09
CA PRO B 199 3.28 -3.16 -22.46
C PRO B 199 3.87 -4.20 -23.42
N MET B 200 4.58 -3.78 -24.48
CA MET B 200 5.13 -4.73 -25.47
C MET B 200 6.22 -5.60 -24.81
N ASP B 201 6.97 -5.04 -23.85
CA ASP B 201 7.99 -5.79 -23.07
C ASP B 201 7.30 -6.86 -22.21
N VAL B 202 6.14 -6.53 -21.63
CA VAL B 202 5.34 -7.49 -20.82
C VAL B 202 4.91 -8.64 -21.74
N TYR B 203 4.39 -8.32 -22.93
CA TYR B 203 3.93 -9.32 -23.92
C TYR B 203 5.07 -10.28 -24.24
N ASN B 204 6.25 -9.74 -24.58
CA ASN B 204 7.44 -10.53 -24.99
C ASN B 204 7.91 -11.39 -23.81
N ALA B 205 7.87 -10.86 -22.59
CA ALA B 205 8.26 -11.59 -21.36
C ALA B 205 7.31 -12.76 -21.14
N TYR B 206 6.01 -12.53 -21.29
CA TYR B 206 4.94 -13.54 -21.10
C TYR B 206 5.15 -14.69 -22.10
N ALA B 207 5.33 -14.35 -23.38
CA ALA B 207 5.52 -15.34 -24.48
C ALA B 207 6.75 -16.21 -24.17
N GLU B 208 7.86 -15.60 -23.76
CA GLU B 208 9.14 -16.31 -23.46
C GLU B 208 8.94 -17.20 -22.22
N MET B 209 8.38 -16.66 -21.14
CA MET B 209 8.28 -17.34 -19.82
C MET B 209 7.35 -18.56 -19.92
N TYR B 210 6.24 -18.48 -20.66
CA TYR B 210 5.10 -19.43 -20.52
C TYR B 210 4.88 -20.22 -21.81
N ALA B 211 5.90 -20.36 -22.66
CA ALA B 211 5.81 -21.08 -23.95
C ALA B 211 5.27 -22.50 -23.73
N THR B 212 5.73 -23.20 -22.69
CA THR B 212 5.32 -24.61 -22.42
C THR B 212 3.82 -24.65 -22.10
N GLU B 213 3.35 -23.73 -21.25
CA GLU B 213 1.93 -23.67 -20.82
C GLU B 213 1.06 -23.27 -22.02
N LEU B 214 1.50 -22.29 -22.81
CA LEU B 214 0.74 -21.74 -23.96
C LEU B 214 0.54 -22.82 -25.03
N ALA B 215 1.41 -23.82 -25.08
CA ALA B 215 1.38 -24.92 -26.08
C ALA B 215 0.37 -26.00 -25.69
N ASP B 216 -0.21 -25.93 -24.48
CA ASP B 216 -1.12 -27.00 -23.98
C ASP B 216 -2.26 -26.37 -23.20
N PRO B 217 -3.19 -25.65 -23.88
CA PRO B 217 -4.30 -24.99 -23.20
C PRO B 217 -5.22 -25.97 -22.44
N ALA B 218 -5.36 -27.21 -22.94
CA ALA B 218 -6.14 -28.26 -22.26
C ALA B 218 -5.53 -28.53 -20.87
N ALA B 219 -4.20 -28.54 -20.77
CA ALA B 219 -3.45 -28.88 -19.53
C ALA B 219 -3.32 -27.65 -18.61
N TYR B 220 -3.28 -26.44 -19.17
CA TYR B 220 -2.98 -25.18 -18.44
C TYR B 220 -4.09 -24.16 -18.71
N PRO B 221 -5.32 -24.42 -18.23
CA PRO B 221 -6.46 -23.56 -18.55
C PRO B 221 -6.40 -22.16 -17.90
N ASP B 222 -5.56 -21.97 -16.87
CA ASP B 222 -5.48 -20.69 -16.12
C ASP B 222 -4.36 -19.81 -16.70
N CYS B 223 -3.69 -20.28 -17.76
CA CYS B 223 -2.69 -19.50 -18.53
C CYS B 223 -3.40 -18.83 -19.71
N ALA B 224 -3.61 -17.51 -19.64
CA ALA B 224 -4.27 -16.73 -20.71
C ALA B 224 -3.48 -16.92 -22.00
N PRO B 225 -4.15 -17.19 -23.13
CA PRO B 225 -3.45 -17.28 -24.42
C PRO B 225 -2.92 -15.91 -24.86
N LEU B 226 -1.97 -15.90 -25.78
CA LEU B 226 -1.27 -14.67 -26.22
C LEU B 226 -2.27 -13.68 -26.85
N THR B 227 -3.30 -14.15 -27.55
CA THR B 227 -4.33 -13.25 -28.15
C THR B 227 -4.99 -12.45 -27.03
N THR B 228 -5.31 -13.09 -25.89
CA THR B 228 -5.92 -12.44 -24.70
C THR B 228 -4.91 -11.49 -24.06
N VAL B 229 -3.65 -11.90 -23.93
CA VAL B 229 -2.60 -11.07 -23.27
C VAL B 229 -2.38 -9.80 -24.10
N ALA B 230 -2.35 -9.91 -25.43
CA ALA B 230 -2.21 -8.75 -26.35
C ALA B 230 -3.37 -7.79 -26.15
N THR B 231 -4.61 -8.30 -26.07
CA THR B 231 -5.84 -7.49 -25.83
C THR B 231 -5.70 -6.76 -24.48
N LEU B 232 -5.32 -7.47 -23.43
CA LEU B 232 -5.22 -6.88 -22.06
C LEU B 232 -4.16 -5.78 -22.05
N LEU B 233 -3.08 -5.93 -22.82
CA LEU B 233 -1.93 -4.98 -22.83
C LEU B 233 -2.17 -3.87 -23.87
N GLY B 234 -3.18 -4.03 -24.72
CA GLY B 234 -3.53 -3.07 -25.79
C GLY B 234 -2.44 -2.98 -26.84
N VAL B 235 -1.76 -4.10 -27.11
CA VAL B 235 -0.63 -4.17 -28.10
C VAL B 235 -1.08 -5.00 -29.30
N ASP B 236 -0.42 -4.77 -30.45
CA ASP B 236 -0.60 -5.53 -31.71
C ASP B 236 0.74 -6.13 -32.08
N PRO B 237 1.02 -7.41 -31.71
CA PRO B 237 2.34 -8.00 -31.90
C PRO B 237 2.63 -8.40 -33.36
C1 GLC C . -2.24 15.42 -11.02
C2 GLC C . -0.87 15.41 -10.33
C3 GLC C . -1.01 15.03 -8.86
C4 GLC C . -2.01 15.96 -8.18
C5 GLC C . -3.34 15.94 -8.94
C6 GLC C . -4.36 16.91 -8.34
O1 GLC C . -2.80 14.11 -11.08
O2 GLC C . 0.02 14.51 -10.99
O3 GLC C . 0.27 15.07 -8.22
O4 GLC C . -2.25 15.51 -6.84
O5 GLC C . -3.13 16.30 -10.31
O6 GLC C . -5.65 16.69 -8.96
C1 GLC C . -1.57 16.28 -5.84
C2 GLC C . -0.94 15.31 -4.85
C3 GLC C . -1.99 14.56 -4.05
C4 GLC C . -2.92 15.56 -3.36
C5 GLC C . -3.50 16.54 -4.39
C6 GLC C . -4.31 17.63 -3.69
O2 GLC C . -0.11 14.36 -5.55
O3 GLC C . -1.35 13.70 -3.10
O4 GLC C . -4.01 14.86 -2.76
O5 GLC C . -2.48 17.16 -5.16
O6 GLC C . -5.16 18.27 -4.64
C1 GLC C . -3.85 14.70 -1.33
C2 GLC C . -4.22 13.28 -0.93
C3 GLC C . -5.70 13.02 -1.23
C4 GLC C . -6.53 14.04 -0.47
C5 GLC C . -6.08 15.47 -0.81
C6 GLC C . -6.82 16.46 0.07
O2 GLC C . -3.37 12.36 -1.62
O3 GLC C . -6.05 11.69 -0.83
O4 GLC C . -7.92 13.89 -0.79
O5 GLC C . -4.67 15.63 -0.61
O6 GLC C . -6.46 17.80 -0.28
C1 GLC D . -7.00 -18.15 0.83
C2 GLC D . -6.47 -17.67 2.19
C3 GLC D . -5.13 -16.98 2.00
C4 GLC D . -4.16 -17.92 1.30
C5 GLC D . -4.75 -18.37 -0.03
C6 GLC D . -3.87 -19.37 -0.77
O1 GLC D . -7.30 -17.03 -0.01
O2 GLC D . -7.41 -16.77 2.79
O3 GLC D . -4.63 -16.56 3.29
O4 GLC D . -2.92 -17.23 1.05
O5 GLC D . -6.02 -18.98 0.20
O6 GLC D . -4.32 -19.49 -2.13
C1 GLC D . -1.88 -17.58 1.99
C2 GLC D . -1.20 -16.29 2.43
C3 GLC D . -0.44 -15.65 1.27
C4 GLC D . 0.54 -16.65 0.68
C5 GLC D . -0.18 -17.94 0.31
C6 GLC D . 0.79 -19.01 -0.19
O2 GLC D . -2.20 -15.40 2.94
O3 GLC D . 0.26 -14.48 1.73
O4 GLC D . 1.13 -16.09 -0.50
O5 GLC D . -0.90 -18.47 1.42
O6 GLC D . 0.05 -19.94 -0.98
C1 GLC D . 2.47 -15.58 -0.30
C2 GLC D . 2.58 -14.22 -0.98
C3 GLC D . 2.43 -14.39 -2.48
C4 GLC D . 3.48 -15.36 -2.99
C5 GLC D . 3.41 -16.68 -2.22
C6 GLC D . 4.54 -17.62 -2.63
O2 GLC D . 1.61 -13.33 -0.45
O3 GLC D . 2.57 -13.11 -3.11
O4 GLC D . 3.31 -15.59 -4.39
O5 GLC D . 3.47 -16.46 -0.80
O6 GLC D . 4.40 -18.89 -1.96
C1 EDO E . -4.05 27.07 6.13
O1 EDO E . -3.20 28.19 6.29
C2 EDO E . -5.33 27.44 5.47
O2 EDO E . -6.42 26.59 5.79
C1 EDO F . 13.09 3.01 -2.33
O1 EDO F . 12.92 4.34 -1.85
C2 EDO F . 11.84 2.43 -2.90
O2 EDO F . 11.89 2.24 -4.30
C1 EDO G . -10.01 13.81 -3.61
O1 EDO G . -8.70 14.26 -3.35
C2 EDO G . -10.17 13.17 -4.93
O2 EDO G . -9.81 14.00 -6.03
CL CL H . -0.67 -0.43 -0.84
ZN ZN I . -3.54 0.18 -6.94
C1 EDO J . 0.81 -16.20 -6.68
O1 EDO J . 0.89 -16.23 -5.26
C2 EDO J . -0.59 -16.07 -7.17
O2 EDO J . -1.49 -16.92 -6.50
CL CL K . -11.21 -1.93 -19.37
ZN ZN L . -6.22 -3.02 -3.88
#